data_1NAV
#
_entry.id   1NAV
#
_cell.length_a   109.319
_cell.length_b   109.319
_cell.length_c   134.652
_cell.angle_alpha   90.00
_cell.angle_beta   90.00
_cell.angle_gamma   120.00
#
_symmetry.space_group_name_H-M   'P 65 2 2'
#
loop_
_entity.id
_entity.type
_entity.pdbx_description
1 polymer 'hormone receptor alpha 1, THRA1'
2 non-polymer 'SULFATE ION'
3 non-polymer '{3,5-DICHLORO-4-[4-HYDROXY-3-(PROPAN-2-YL)PHENOXY]PHENYL}ACETIC ACID'
4 water water
#
_entity_poly.entity_id   1
_entity_poly.type   'polypeptide(L)'
_entity_poly.pdbx_seq_one_letter_code
;HMEEMIRSLQQRPEPTPEEWDLIHIATEAHRSTNAQGSHWKQRRKFLPDDIGQSPIVSMPDGDKVDLEAFSEFTKIITPA
ITRVVDFAKKLPMFSELPCEDQIILLKGCCMEIMSLRAAVRYDPESDTLTLSGEMAVKREQLKNGGLGVVSDAIFELGKS
LSAFNLDDTEVALLQAVLLMSTDRSGLLCVDKIEKSQEAYLLAFEHYVNHRKHNIPHFWPKLLMKVTDLRMIGACHASRF
LHMKVECPTELFPPLFLEVFEDQ
;
_entity_poly.pdbx_strand_id   A
#
loop_
_chem_comp.id
_chem_comp.type
_chem_comp.name
_chem_comp.formula
IH5 non-polymer '{3,5-DICHLORO-4-[4-HYDROXY-3-(PROPAN-2-YL)PHENOXY]PHENYL}ACETIC ACID' 'C17 H16 Cl2 O4'
SO4 non-polymer 'SULFATE ION' 'O4 S -2'
#
# COMPACT_ATOMS: atom_id res chain seq x y z
N HIS A 1 32.70 7.07 11.92
CA HIS A 1 32.66 7.75 10.60
C HIS A 1 32.94 6.77 9.47
N MET A 2 33.78 7.17 8.52
CA MET A 2 34.13 6.33 7.38
C MET A 2 32.89 5.94 6.58
N GLU A 3 31.83 6.73 6.71
CA GLU A 3 30.59 6.45 6.01
C GLU A 3 30.76 6.53 4.50
N GLU A 4 31.47 7.55 4.01
CA GLU A 4 31.67 7.69 2.57
C GLU A 4 32.38 6.48 1.98
N MET A 5 33.45 6.05 2.65
CA MET A 5 34.21 4.88 2.19
C MET A 5 33.35 3.64 2.24
N ILE A 6 32.76 3.36 3.39
CA ILE A 6 31.92 2.19 3.56
C ILE A 6 30.86 2.18 2.47
N ARG A 7 30.24 3.33 2.27
CA ARG A 7 29.22 3.44 1.23
C ARG A 7 29.80 3.02 -0.13
N SER A 8 30.91 3.62 -0.54
CA SER A 8 31.52 3.28 -1.84
C SER A 8 32.08 1.85 -1.90
N LEU A 9 32.44 1.30 -0.74
CA LEU A 9 32.97 -0.05 -0.69
C LEU A 9 31.89 -1.14 -0.84
N GLN A 10 30.62 -0.74 -0.76
CA GLN A 10 29.50 -1.67 -0.86
C GLN A 10 29.29 -2.11 -2.30
N GLN A 11 29.04 -3.41 -2.51
CA GLN A 11 28.78 -3.96 -3.85
C GLN A 11 27.34 -3.67 -4.26
N ARG A 12 27.14 -3.18 -5.48
CA ARG A 12 25.80 -2.86 -5.95
C ARG A 12 25.36 -3.75 -7.11
N PRO A 13 25.15 -5.04 -6.85
CA PRO A 13 24.71 -5.96 -7.91
C PRO A 13 23.49 -5.47 -8.67
N GLU A 14 23.55 -5.53 -9.99
CA GLU A 14 22.42 -5.14 -10.82
C GLU A 14 21.46 -6.33 -10.88
N PRO A 15 20.29 -6.14 -11.50
CA PRO A 15 19.33 -7.24 -11.60
C PRO A 15 19.76 -8.29 -12.62
N THR A 16 19.68 -9.55 -12.23
CA THR A 16 20.07 -10.66 -13.08
C THR A 16 18.89 -10.93 -13.99
N PRO A 17 19.12 -11.27 -15.28
CA PRO A 17 17.91 -11.53 -16.09
C PRO A 17 17.11 -12.75 -15.63
N GLU A 18 16.48 -12.68 -14.44
CA GLU A 18 15.55 -13.69 -13.86
C GLU A 18 14.77 -12.60 -13.13
N GLU A 19 15.55 -11.77 -12.42
CA GLU A 19 15.08 -10.61 -11.71
C GLU A 19 14.56 -9.53 -12.68
N TRP A 20 15.20 -9.40 -13.84
CA TRP A 20 14.70 -8.39 -14.79
C TRP A 20 13.33 -8.82 -15.33
N ASP A 21 13.07 -10.12 -15.35
CA ASP A 21 11.78 -10.58 -15.82
C ASP A 21 10.75 -10.27 -14.76
N LEU A 22 11.06 -10.60 -13.49
CA LEU A 22 10.15 -10.32 -12.38
C LEU A 22 9.87 -8.84 -12.36
N ILE A 23 10.94 -8.06 -12.37
CA ILE A 23 10.85 -6.61 -12.35
C ILE A 23 10.02 -6.05 -13.49
N HIS A 24 9.88 -6.79 -14.58
CA HIS A 24 9.10 -6.30 -15.71
C HIS A 24 7.64 -6.72 -15.59
N ILE A 25 7.42 -7.98 -15.25
CA ILE A 25 6.07 -8.49 -15.06
C ILE A 25 5.42 -7.64 -13.96
N ALA A 26 6.06 -7.63 -12.79
CA ALA A 26 5.57 -6.87 -11.64
C ALA A 26 5.29 -5.42 -11.98
N THR A 27 6.24 -4.77 -12.65
CA THR A 27 6.07 -3.37 -13.00
C THR A 27 4.85 -3.13 -13.85
N GLU A 28 4.56 -4.07 -14.75
CA GLU A 28 3.40 -3.90 -15.61
C GLU A 28 2.12 -4.31 -14.92
N ALA A 29 2.19 -5.33 -14.06
CA ALA A 29 1.01 -5.76 -13.32
C ALA A 29 0.55 -4.54 -12.52
N HIS A 30 1.53 -3.78 -12.01
CA HIS A 30 1.23 -2.59 -11.24
C HIS A 30 0.68 -1.46 -12.09
N ARG A 31 1.37 -1.12 -13.18
CA ARG A 31 0.94 -0.05 -14.07
C ARG A 31 -0.44 -0.25 -14.66
N SER A 32 -0.73 -1.48 -15.06
CA SER A 32 -2.01 -1.79 -15.65
C SER A 32 -3.13 -1.87 -14.62
N THR A 33 -2.80 -1.80 -13.34
CA THR A 33 -3.83 -1.88 -12.31
C THR A 33 -3.88 -0.71 -11.35
N ASN A 34 -3.39 0.46 -11.76
CA ASN A 34 -3.46 1.62 -10.89
C ASN A 34 -3.70 2.93 -11.63
N ALA A 35 -4.40 2.84 -12.76
CA ALA A 35 -4.72 4.02 -13.57
C ALA A 35 -3.46 4.80 -13.97
N LYS A 41 -3.62 13.28 -11.80
CA LYS A 41 -3.51 14.53 -11.07
C LYS A 41 -4.08 15.69 -11.86
N GLN A 42 -4.13 15.54 -13.19
CA GLN A 42 -4.66 16.59 -14.06
C GLN A 42 -6.08 17.00 -13.65
N ARG A 43 -7.06 16.20 -14.04
CA ARG A 43 -8.46 16.48 -13.72
C ARG A 43 -8.93 15.74 -12.46
N ARG A 44 -8.14 15.83 -11.39
CA ARG A 44 -8.48 15.16 -10.14
C ARG A 44 -9.38 16.08 -9.32
N LYS A 45 -10.59 15.60 -9.03
CA LYS A 45 -11.54 16.39 -8.26
C LYS A 45 -11.27 16.31 -6.76
N PHE A 46 -11.33 17.46 -6.10
CA PHE A 46 -11.11 17.52 -4.66
C PHE A 46 -12.39 17.14 -3.95
N LEU A 47 -12.27 16.71 -2.71
CA LEU A 47 -13.44 16.33 -1.93
C LEU A 47 -13.87 17.60 -1.23
N PRO A 48 -15.15 17.99 -1.39
CA PRO A 48 -15.72 19.20 -0.77
C PRO A 48 -15.27 19.45 0.68
N ASP A 49 -14.79 20.66 0.95
CA ASP A 49 -14.32 21.02 2.28
C ASP A 49 -15.37 20.90 3.37
N ASP A 50 -16.63 20.74 2.99
CA ASP A 50 -17.70 20.61 3.98
C ASP A 50 -17.90 19.15 4.41
N ILE A 51 -17.21 18.26 3.71
CA ILE A 51 -17.30 16.83 3.99
C ILE A 51 -16.21 16.39 4.96
N GLY A 52 -16.65 15.98 6.15
CA GLY A 52 -15.74 15.52 7.18
C GLY A 52 -14.91 16.62 7.80
N GLN A 53 -15.51 17.77 8.07
CA GLN A 53 -14.78 18.89 8.67
C GLN A 53 -14.64 18.70 10.18
N SER A 54 -13.41 18.53 10.65
CA SER A 54 -13.16 18.32 12.08
C SER A 54 -13.66 19.50 12.92
N PRO A 60 -19.11 15.65 23.57
CA PRO A 60 -19.41 15.00 22.30
C PRO A 60 -18.87 13.57 22.24
N ASP A 61 -18.23 13.23 21.12
CA ASP A 61 -17.65 11.90 20.95
C ASP A 61 -16.25 12.12 20.37
N GLY A 62 -15.23 11.80 21.16
CA GLY A 62 -13.86 11.98 20.69
C GLY A 62 -13.54 11.13 19.48
N ASP A 63 -14.24 10.01 19.33
CA ASP A 63 -14.01 9.12 18.20
C ASP A 63 -15.29 8.85 17.42
N LYS A 64 -15.94 9.93 16.96
CA LYS A 64 -17.14 9.78 16.17
C LYS A 64 -16.72 9.70 14.70
N VAL A 65 -17.44 8.91 13.92
CA VAL A 65 -17.14 8.76 12.51
C VAL A 65 -18.14 9.55 11.70
N ASP A 66 -17.64 10.45 10.87
CA ASP A 66 -18.48 11.26 10.02
C ASP A 66 -19.08 10.35 8.93
N LEU A 67 -20.36 10.02 9.05
CA LEU A 67 -21.01 9.13 8.10
C LEU A 67 -20.95 9.58 6.65
N GLU A 68 -21.06 10.89 6.45
CA GLU A 68 -21.01 11.45 5.10
C GLU A 68 -19.67 11.13 4.45
N ALA A 69 -18.58 11.51 5.12
CA ALA A 69 -17.24 11.25 4.62
C ALA A 69 -17.07 9.74 4.42
N PHE A 70 -17.43 8.97 5.45
CA PHE A 70 -17.35 7.52 5.38
C PHE A 70 -18.04 7.01 4.12
N SER A 71 -19.22 7.54 3.82
CA SER A 71 -19.94 7.07 2.64
C SER A 71 -19.14 7.37 1.38
N GLU A 72 -18.57 8.58 1.30
CA GLU A 72 -17.79 8.97 0.13
C GLU A 72 -16.61 8.04 -0.14
N PHE A 73 -15.97 7.57 0.93
CA PHE A 73 -14.81 6.69 0.82
C PHE A 73 -15.21 5.24 0.51
N THR A 74 -16.33 4.77 1.07
CA THR A 74 -16.72 3.38 0.79
C THR A 74 -17.24 3.25 -0.63
N LYS A 75 -17.69 4.36 -1.20
CA LYS A 75 -18.19 4.30 -2.57
C LYS A 75 -17.06 4.06 -3.58
N ILE A 76 -15.84 4.39 -3.18
CA ILE A 76 -14.70 4.19 -4.07
C ILE A 76 -13.72 3.13 -3.57
N ILE A 77 -14.05 2.48 -2.46
CA ILE A 77 -13.13 1.48 -1.94
C ILE A 77 -13.20 0.14 -2.67
N THR A 78 -14.38 -0.22 -3.17
CA THR A 78 -14.51 -1.50 -3.85
C THR A 78 -13.58 -1.54 -5.07
N PRO A 79 -13.54 -0.47 -5.88
CA PRO A 79 -12.64 -0.51 -7.04
C PRO A 79 -11.19 -0.57 -6.58
N ALA A 80 -10.86 0.23 -5.57
CA ALA A 80 -9.50 0.27 -5.04
C ALA A 80 -9.04 -1.14 -4.62
N ILE A 81 -9.94 -1.88 -3.97
CA ILE A 81 -9.64 -3.23 -3.53
C ILE A 81 -9.53 -4.13 -4.75
N THR A 82 -10.40 -3.90 -5.73
CA THR A 82 -10.38 -4.71 -6.93
C THR A 82 -9.07 -4.55 -7.67
N ARG A 83 -8.52 -3.34 -7.65
CA ARG A 83 -7.25 -3.09 -8.31
C ARG A 83 -6.09 -3.87 -7.67
N VAL A 84 -6.13 -4.03 -6.35
CA VAL A 84 -5.08 -4.78 -5.67
C VAL A 84 -5.21 -6.25 -6.05
N VAL A 85 -6.44 -6.76 -6.05
CA VAL A 85 -6.67 -8.15 -6.43
C VAL A 85 -6.20 -8.36 -7.86
N ASP A 86 -6.52 -7.40 -8.72
CA ASP A 86 -6.11 -7.46 -10.13
C ASP A 86 -4.59 -7.44 -10.24
N PHE A 87 -3.94 -6.69 -9.36
CA PHE A 87 -2.50 -6.62 -9.37
C PHE A 87 -1.92 -8.00 -9.02
N ALA A 88 -2.47 -8.62 -7.97
CA ALA A 88 -1.98 -9.93 -7.55
C ALA A 88 -2.17 -10.98 -8.63
N LYS A 89 -3.32 -10.96 -9.29
CA LYS A 89 -3.63 -11.93 -10.32
C LYS A 89 -2.63 -11.92 -11.48
N LYS A 90 -1.96 -10.78 -11.67
CA LYS A 90 -0.99 -10.65 -12.75
C LYS A 90 0.44 -11.05 -12.38
N LEU A 91 0.60 -11.64 -11.20
CA LEU A 91 1.91 -12.09 -10.76
C LEU A 91 1.87 -13.60 -10.77
N PRO A 92 2.68 -14.22 -11.64
CA PRO A 92 2.76 -15.68 -11.78
C PRO A 92 2.72 -16.46 -10.48
N MET A 93 3.69 -16.22 -9.61
CA MET A 93 3.75 -16.94 -8.34
C MET A 93 2.49 -16.79 -7.49
N PHE A 94 1.66 -15.80 -7.80
CA PHE A 94 0.42 -15.61 -7.05
C PHE A 94 -0.74 -16.36 -7.68
N SER A 95 -0.95 -16.11 -8.97
CA SER A 95 -2.03 -16.73 -9.74
C SER A 95 -2.08 -18.25 -9.54
N GLU A 96 -0.92 -18.88 -9.43
CA GLU A 96 -0.83 -20.33 -9.25
C GLU A 96 -1.16 -20.83 -7.85
N LEU A 97 -1.36 -19.93 -6.90
CA LEU A 97 -1.67 -20.34 -5.54
C LEU A 97 -3.12 -20.76 -5.36
N PRO A 98 -3.40 -21.60 -4.34
CA PRO A 98 -4.76 -22.09 -4.05
C PRO A 98 -5.61 -20.87 -3.70
N CYS A 99 -6.89 -20.93 -4.01
CA CYS A 99 -7.77 -19.82 -3.73
C CYS A 99 -7.67 -19.36 -2.28
N GLU A 100 -7.71 -20.31 -1.35
CA GLU A 100 -7.63 -19.99 0.07
C GLU A 100 -6.40 -19.16 0.42
N ASP A 101 -5.27 -19.50 -0.19
CA ASP A 101 -4.04 -18.76 0.04
C ASP A 101 -4.18 -17.35 -0.48
N GLN A 102 -4.65 -17.21 -1.72
CA GLN A 102 -4.81 -15.89 -2.31
C GLN A 102 -5.65 -15.02 -1.38
N ILE A 103 -6.70 -15.60 -0.79
CA ILE A 103 -7.56 -14.86 0.13
C ILE A 103 -6.74 -14.34 1.31
N ILE A 104 -6.06 -15.23 2.02
CA ILE A 104 -5.25 -14.85 3.17
C ILE A 104 -4.20 -13.78 2.83
N LEU A 105 -3.52 -13.92 1.69
CA LEU A 105 -2.52 -12.96 1.27
C LEU A 105 -3.15 -11.60 1.03
N LEU A 106 -4.24 -11.62 0.27
CA LEU A 106 -4.97 -10.43 -0.05
C LEU A 106 -5.48 -9.75 1.20
N LYS A 107 -6.04 -10.52 2.13
CA LYS A 107 -6.55 -9.92 3.36
C LYS A 107 -5.39 -9.33 4.15
N GLY A 108 -4.23 -9.94 4.00
CA GLY A 108 -3.05 -9.49 4.71
C GLY A 108 -2.30 -8.29 4.15
N CYS A 109 -2.58 -7.87 2.93
CA CYS A 109 -1.84 -6.75 2.37
C CYS A 109 -2.70 -5.74 1.65
N CYS A 110 -4.01 -5.97 1.60
CA CYS A 110 -4.86 -5.06 0.87
C CYS A 110 -4.79 -3.62 1.39
N MET A 111 -4.90 -3.42 2.69
CA MET A 111 -4.83 -2.05 3.20
C MET A 111 -3.46 -1.42 2.94
N GLU A 112 -2.40 -2.19 3.13
CA GLU A 112 -1.04 -1.72 2.91
C GLU A 112 -0.82 -1.24 1.49
N ILE A 113 -1.17 -2.07 0.52
CA ILE A 113 -0.98 -1.70 -0.88
C ILE A 113 -1.83 -0.50 -1.25
N MET A 114 -3.05 -0.45 -0.75
CA MET A 114 -3.95 0.65 -1.01
C MET A 114 -3.37 1.90 -0.37
N SER A 115 -2.79 1.74 0.81
CA SER A 115 -2.21 2.87 1.51
C SER A 115 -0.96 3.34 0.81
N LEU A 116 -0.18 2.40 0.27
CA LEU A 116 1.03 2.75 -0.44
C LEU A 116 0.64 3.59 -1.66
N ARG A 117 -0.32 3.09 -2.42
CA ARG A 117 -0.79 3.79 -3.62
C ARG A 117 -1.31 5.18 -3.28
N ALA A 118 -1.89 5.33 -2.09
CA ALA A 118 -2.38 6.63 -1.68
C ALA A 118 -1.19 7.51 -1.32
N ALA A 119 -0.29 6.97 -0.51
CA ALA A 119 0.89 7.71 -0.07
C ALA A 119 1.75 8.24 -1.21
N VAL A 120 1.93 7.45 -2.27
CA VAL A 120 2.75 7.91 -3.39
C VAL A 120 2.04 8.98 -4.22
N ARG A 121 0.72 9.00 -4.20
CA ARG A 121 -0.04 10.01 -4.94
C ARG A 121 -0.13 11.28 -4.07
N TYR A 122 0.68 11.34 -3.02
CA TYR A 122 0.68 12.50 -2.13
C TYR A 122 1.22 13.74 -2.81
N ASP A 123 0.52 14.87 -2.66
CA ASP A 123 0.94 16.13 -3.25
C ASP A 123 1.33 17.15 -2.18
N PRO A 124 2.62 17.52 -2.12
CA PRO A 124 3.03 18.50 -1.10
C PRO A 124 2.36 19.86 -1.27
N GLU A 125 2.20 20.30 -2.52
CA GLU A 125 1.60 21.60 -2.80
C GLU A 125 0.29 21.77 -2.03
N SER A 126 -0.71 20.97 -2.40
CA SER A 126 -2.02 21.01 -1.76
C SER A 126 -2.07 20.25 -0.45
N ASP A 127 -1.02 19.49 -0.15
CA ASP A 127 -0.97 18.70 1.08
C ASP A 127 -2.18 17.76 1.15
N THR A 128 -2.39 17.03 0.05
CA THR A 128 -3.50 16.09 -0.04
C THR A 128 -3.06 14.76 -0.66
N LEU A 129 -3.97 13.79 -0.66
CA LEU A 129 -3.71 12.49 -1.24
C LEU A 129 -4.73 12.28 -2.33
N THR A 130 -4.44 11.38 -3.26
CA THR A 130 -5.42 11.14 -4.28
C THR A 130 -5.79 9.67 -4.24
N LEU A 131 -7.01 9.45 -3.78
CA LEU A 131 -7.54 8.10 -3.67
C LEU A 131 -8.06 7.66 -5.03
N SER A 132 -7.92 6.37 -5.33
CA SER A 132 -8.35 5.84 -6.63
C SER A 132 -7.77 6.67 -7.76
N GLY A 133 -6.70 7.41 -7.48
CA GLY A 133 -6.10 8.24 -8.51
C GLY A 133 -6.98 9.39 -9.02
N GLU A 134 -8.06 9.68 -8.29
CA GLU A 134 -8.99 10.74 -8.67
C GLU A 134 -9.40 11.67 -7.55
N MET A 135 -10.02 11.15 -6.50
CA MET A 135 -10.45 11.99 -5.39
C MET A 135 -9.27 12.47 -4.53
N ALA A 136 -9.12 13.79 -4.34
CA ALA A 136 -8.05 14.33 -3.51
C ALA A 136 -8.64 14.58 -2.13
N VAL A 137 -8.02 14.03 -1.10
CA VAL A 137 -8.51 14.20 0.25
C VAL A 137 -7.51 14.87 1.15
N LYS A 138 -8.01 15.59 2.17
CA LYS A 138 -7.17 16.27 3.13
C LYS A 138 -7.04 15.33 4.32
N ARG A 139 -5.93 15.40 5.03
CA ARG A 139 -5.76 14.56 6.19
C ARG A 139 -7.02 14.49 7.10
N GLU A 140 -7.57 15.66 7.44
CA GLU A 140 -8.75 15.75 8.30
C GLU A 140 -9.93 14.92 7.78
N GLN A 141 -10.24 15.06 6.50
CA GLN A 141 -11.34 14.33 5.88
C GLN A 141 -11.20 12.82 5.99
N LEU A 142 -10.03 12.30 5.62
CA LEU A 142 -9.79 10.87 5.67
C LEU A 142 -9.83 10.41 7.11
N LYS A 143 -9.41 11.27 8.02
CA LYS A 143 -9.40 10.94 9.44
C LYS A 143 -10.83 10.84 10.00
N ASN A 144 -11.66 11.84 9.74
CA ASN A 144 -13.01 11.82 10.24
C ASN A 144 -13.85 10.78 9.51
N GLY A 145 -13.48 10.49 8.27
CA GLY A 145 -14.21 9.52 7.47
C GLY A 145 -14.10 8.12 8.03
N GLY A 146 -13.22 7.92 9.02
CA GLY A 146 -13.08 6.60 9.61
C GLY A 146 -11.67 6.10 9.91
N LEU A 147 -10.68 6.54 9.14
CA LEU A 147 -9.32 6.07 9.37
C LEU A 147 -8.70 6.57 10.68
N GLY A 148 -9.16 7.72 11.16
CA GLY A 148 -8.62 8.25 12.40
C GLY A 148 -7.13 8.50 12.31
N VAL A 149 -6.37 7.95 13.27
CA VAL A 149 -4.93 8.14 13.28
C VAL A 149 -4.25 7.54 12.05
N VAL A 150 -4.84 6.48 11.50
CA VAL A 150 -4.29 5.85 10.30
C VAL A 150 -4.18 6.91 9.19
N SER A 151 -5.11 7.86 9.19
CA SER A 151 -5.05 8.91 8.19
C SER A 151 -3.76 9.70 8.42
N ASP A 152 -3.51 10.05 9.67
CA ASP A 152 -2.30 10.78 10.05
C ASP A 152 -1.07 9.98 9.60
N ALA A 153 -1.12 8.67 9.80
CA ALA A 153 -0.02 7.79 9.43
C ALA A 153 0.23 7.76 7.91
N ILE A 154 -0.82 7.72 7.10
CA ILE A 154 -0.64 7.67 5.66
C ILE A 154 -0.13 9.00 5.11
N PHE A 155 -0.55 10.10 5.71
CA PHE A 155 -0.07 11.40 5.25
C PHE A 155 1.39 11.52 5.63
N GLU A 156 1.71 11.11 6.86
CA GLU A 156 3.09 11.14 7.33
C GLU A 156 3.98 10.33 6.38
N LEU A 157 3.49 9.18 5.94
CA LEU A 157 4.24 8.33 5.01
C LEU A 157 4.34 9.00 3.65
N GLY A 158 3.23 9.58 3.19
CA GLY A 158 3.22 10.24 1.90
C GLY A 158 4.23 11.37 1.87
N LYS A 159 4.28 12.16 2.94
CA LYS A 159 5.23 13.27 2.97
C LYS A 159 6.64 12.74 2.88
N SER A 160 6.96 11.73 3.67
CA SER A 160 8.30 11.17 3.66
C SER A 160 8.67 10.43 2.38
N LEU A 161 7.70 9.98 1.60
CA LEU A 161 8.04 9.27 0.37
C LEU A 161 8.33 10.17 -0.81
N SER A 162 8.05 11.46 -0.67
CA SER A 162 8.31 12.40 -1.76
C SER A 162 9.81 12.40 -2.10
N ALA A 163 10.63 12.35 -1.04
CA ALA A 163 12.07 12.36 -1.19
C ALA A 163 12.65 11.12 -1.87
N PHE A 164 11.95 9.99 -1.76
CA PHE A 164 12.44 8.75 -2.35
C PHE A 164 12.24 8.66 -3.85
N ASN A 165 11.37 9.50 -4.40
CA ASN A 165 11.10 9.48 -5.84
C ASN A 165 10.90 8.06 -6.36
N LEU A 166 10.12 7.27 -5.63
CA LEU A 166 9.87 5.90 -6.06
C LEU A 166 9.23 5.90 -7.43
N ASP A 167 9.68 5.00 -8.29
CA ASP A 167 9.11 4.90 -9.63
C ASP A 167 8.13 3.73 -9.65
N ASP A 168 7.43 3.55 -10.76
CA ASP A 168 6.45 2.47 -10.86
C ASP A 168 6.98 1.10 -10.47
N THR A 169 8.27 0.86 -10.70
CA THR A 169 8.86 -0.43 -10.39
C THR A 169 9.14 -0.64 -8.91
N GLU A 170 9.63 0.39 -8.24
CA GLU A 170 9.90 0.24 -6.84
C GLU A 170 8.58 0.07 -6.12
N VAL A 171 7.60 0.90 -6.45
CA VAL A 171 6.28 0.82 -5.85
C VAL A 171 5.72 -0.57 -6.13
N ALA A 172 5.89 -1.02 -7.37
CA ALA A 172 5.41 -2.34 -7.79
C ALA A 172 6.05 -3.48 -7.00
N LEU A 173 7.36 -3.47 -6.86
CA LEU A 173 8.02 -4.54 -6.13
C LEU A 173 7.68 -4.46 -4.64
N LEU A 174 7.59 -3.23 -4.15
CA LEU A 174 7.22 -3.01 -2.77
C LEU A 174 5.83 -3.66 -2.55
N GLN A 175 4.96 -3.58 -3.54
CA GLN A 175 3.65 -4.20 -3.40
C GLN A 175 3.80 -5.72 -3.42
N ALA A 176 4.63 -6.24 -4.33
CA ALA A 176 4.82 -7.68 -4.40
C ALA A 176 5.39 -8.20 -3.08
N VAL A 177 6.33 -7.45 -2.51
CA VAL A 177 6.92 -7.85 -1.24
C VAL A 177 5.84 -7.93 -0.15
N LEU A 178 4.93 -6.96 -0.17
CA LEU A 178 3.83 -6.89 0.80
C LEU A 178 2.84 -8.04 0.58
N LEU A 179 2.50 -8.29 -0.69
CA LEU A 179 1.60 -9.35 -1.04
C LEU A 179 2.12 -10.74 -0.65
N MET A 180 3.36 -11.05 -1.01
CA MET A 180 3.94 -12.35 -0.71
C MET A 180 4.52 -12.52 0.68
N SER A 181 3.69 -12.38 1.70
CA SER A 181 4.14 -12.53 3.08
C SER A 181 3.55 -13.77 3.71
N THR A 182 4.27 -14.36 4.65
CA THR A 182 3.79 -15.54 5.34
C THR A 182 3.46 -15.17 6.78
N ASP A 183 3.19 -13.88 6.99
CA ASP A 183 2.86 -13.35 8.30
C ASP A 183 1.54 -13.88 8.88
N ARG A 184 0.56 -14.13 8.02
CA ARG A 184 -0.72 -14.63 8.51
C ARG A 184 -0.78 -16.15 8.61
N SER A 185 -1.77 -16.66 9.34
CA SER A 185 -1.91 -18.08 9.52
C SER A 185 -2.90 -18.69 8.52
N GLY A 186 -2.95 -20.02 8.49
CA GLY A 186 -3.86 -20.69 7.59
C GLY A 186 -3.35 -20.91 6.19
N LEU A 187 -2.14 -20.43 5.90
CA LEU A 187 -1.61 -20.59 4.55
C LEU A 187 -1.23 -22.03 4.27
N LEU A 188 -1.35 -22.42 3.00
CA LEU A 188 -1.02 -23.78 2.61
C LEU A 188 0.39 -23.82 2.05
N CYS A 189 0.59 -23.21 0.88
CA CYS A 189 1.89 -23.18 0.22
C CYS A 189 2.85 -22.20 0.87
N VAL A 190 3.12 -22.38 2.16
CA VAL A 190 4.03 -21.48 2.85
C VAL A 190 5.38 -21.39 2.16
N ASP A 191 5.92 -22.52 1.73
CA ASP A 191 7.22 -22.52 1.06
C ASP A 191 7.25 -21.74 -0.25
N LYS A 192 6.33 -22.03 -1.15
CA LYS A 192 6.30 -21.34 -2.44
C LYS A 192 6.17 -19.82 -2.29
N ILE A 193 5.35 -19.38 -1.32
CA ILE A 193 5.16 -17.95 -1.08
C ILE A 193 6.49 -17.42 -0.55
N GLU A 194 7.01 -18.06 0.50
CA GLU A 194 8.27 -17.67 1.10
C GLU A 194 9.30 -17.43 0.01
N LYS A 195 9.39 -18.36 -0.92
CA LYS A 195 10.35 -18.25 -2.01
C LYS A 195 10.08 -17.09 -2.93
N SER A 196 8.80 -16.77 -3.16
CA SER A 196 8.47 -15.66 -4.04
C SER A 196 8.86 -14.36 -3.35
N GLN A 197 8.68 -14.32 -2.04
CA GLN A 197 9.01 -13.18 -1.18
C GLN A 197 10.50 -12.86 -1.39
N GLU A 198 11.34 -13.82 -1.01
CA GLU A 198 12.78 -13.70 -1.13
C GLU A 198 13.23 -13.32 -2.53
N ALA A 199 12.58 -13.87 -3.54
CA ALA A 199 12.96 -13.57 -4.91
C ALA A 199 12.63 -12.11 -5.21
N TYR A 200 11.47 -11.65 -4.76
CA TYR A 200 11.08 -10.25 -5.02
C TYR A 200 11.95 -9.29 -4.23
N LEU A 201 12.21 -9.60 -2.98
CA LEU A 201 13.05 -8.74 -2.15
C LEU A 201 14.40 -8.57 -2.83
N LEU A 202 15.01 -9.68 -3.21
CA LEU A 202 16.31 -9.67 -3.86
C LEU A 202 16.25 -8.88 -5.17
N ALA A 203 15.26 -9.18 -5.99
CA ALA A 203 15.11 -8.47 -7.25
C ALA A 203 14.90 -6.98 -6.98
N PHE A 204 14.14 -6.68 -5.93
CA PHE A 204 13.84 -5.32 -5.54
C PHE A 204 15.12 -4.61 -5.16
N GLU A 205 15.91 -5.23 -4.30
CA GLU A 205 17.16 -4.63 -3.85
C GLU A 205 18.13 -4.34 -5.00
N HIS A 206 18.17 -5.22 -5.98
CA HIS A 206 19.08 -5.03 -7.11
C HIS A 206 18.57 -3.92 -8.02
N TYR A 207 17.27 -3.72 -8.02
CA TYR A 207 16.69 -2.67 -8.87
C TYR A 207 16.98 -1.32 -8.23
N VAL A 208 17.11 -1.32 -6.92
CA VAL A 208 17.42 -0.11 -6.18
C VAL A 208 18.90 0.21 -6.38
N ASN A 209 19.72 -0.84 -6.51
CA ASN A 209 21.15 -0.62 -6.76
C ASN A 209 21.24 0.06 -8.12
N HIS A 210 20.46 -0.44 -9.07
CA HIS A 210 20.44 0.11 -10.42
C HIS A 210 19.97 1.56 -10.53
N ARG A 211 19.04 1.97 -9.67
CA ARG A 211 18.53 3.34 -9.74
C ARG A 211 19.46 4.38 -9.18
N LYS A 212 20.42 3.96 -8.36
CA LYS A 212 21.40 4.88 -7.79
C LYS A 212 20.76 6.15 -7.22
N HIS A 213 20.08 6.02 -6.09
CA HIS A 213 19.44 7.16 -5.45
C HIS A 213 20.51 7.97 -4.73
N ASN A 214 20.44 9.29 -4.85
CA ASN A 214 21.39 10.17 -4.20
C ASN A 214 21.04 10.34 -2.72
N ILE A 215 20.47 9.30 -2.14
CA ILE A 215 20.06 9.32 -0.74
C ILE A 215 20.84 8.27 0.05
N PRO A 216 21.39 8.66 1.21
CA PRO A 216 22.17 7.75 2.08
C PRO A 216 21.30 6.65 2.68
N HIS A 217 21.81 5.43 2.66
CA HIS A 217 21.09 4.28 3.21
C HIS A 217 19.66 4.17 2.69
N PHE A 218 19.48 4.47 1.39
CA PHE A 218 18.18 4.41 0.76
C PHE A 218 17.46 3.07 0.95
N TRP A 219 18.09 1.98 0.52
CA TRP A 219 17.49 0.66 0.64
C TRP A 219 17.08 0.35 2.07
N PRO A 220 17.99 0.51 3.03
CA PRO A 220 17.60 0.22 4.41
C PRO A 220 16.38 1.06 4.82
N LYS A 221 16.40 2.33 4.41
CA LYS A 221 15.32 3.25 4.74
C LYS A 221 14.01 2.86 4.08
N LEU A 222 14.08 2.46 2.81
CA LEU A 222 12.89 2.06 2.06
C LEU A 222 12.29 0.81 2.68
N LEU A 223 13.14 -0.01 3.28
CA LEU A 223 12.72 -1.24 3.93
C LEU A 223 11.94 -0.91 5.20
N MET A 224 12.29 0.21 5.83
CA MET A 224 11.62 0.63 7.04
C MET A 224 10.19 1.08 6.70
N LYS A 225 9.97 1.53 5.47
CA LYS A 225 8.64 1.94 5.04
C LYS A 225 7.70 0.75 5.08
N VAL A 226 8.25 -0.46 4.94
CA VAL A 226 7.40 -1.64 4.96
C VAL A 226 6.81 -1.75 6.35
N THR A 227 7.62 -1.45 7.37
CA THR A 227 7.14 -1.47 8.74
C THR A 227 6.00 -0.44 8.88
N ASP A 228 6.21 0.75 8.31
CA ASP A 228 5.19 1.79 8.37
C ASP A 228 3.88 1.27 7.77
N LEU A 229 3.97 0.66 6.60
CA LEU A 229 2.77 0.12 5.96
C LEU A 229 2.12 -1.01 6.78
N ARG A 230 2.91 -1.88 7.39
CA ARG A 230 2.31 -2.95 8.19
C ARG A 230 1.62 -2.37 9.42
N MET A 231 2.15 -1.27 9.96
CA MET A 231 1.50 -0.63 11.10
C MET A 231 0.17 -0.08 10.65
N ILE A 232 0.16 0.55 9.47
CA ILE A 232 -1.06 1.11 8.91
C ILE A 232 -2.06 -0.02 8.69
N GLY A 233 -1.54 -1.14 8.21
CA GLY A 233 -2.39 -2.28 7.98
C GLY A 233 -3.04 -2.76 9.26
N ALA A 234 -2.21 -3.07 10.26
CA ALA A 234 -2.69 -3.56 11.55
C ALA A 234 -3.61 -2.57 12.25
N CYS A 235 -3.22 -1.30 12.21
CA CYS A 235 -4.01 -0.28 12.86
C CYS A 235 -5.36 -0.12 12.18
N HIS A 236 -5.37 -0.39 10.87
CA HIS A 236 -6.60 -0.31 10.11
C HIS A 236 -7.63 -1.35 10.57
N ALA A 237 -7.16 -2.52 10.99
CA ALA A 237 -8.08 -3.56 11.46
C ALA A 237 -8.86 -3.04 12.66
N SER A 238 -8.22 -2.21 13.49
CA SER A 238 -8.91 -1.65 14.64
C SER A 238 -9.97 -0.68 14.16
N ARG A 239 -9.56 0.32 13.39
CA ARG A 239 -10.51 1.29 12.85
C ARG A 239 -11.69 0.60 12.17
N PHE A 240 -11.43 -0.51 11.48
CA PHE A 240 -12.51 -1.20 10.81
C PHE A 240 -13.54 -1.68 11.81
N LEU A 241 -13.07 -2.20 12.94
CA LEU A 241 -13.96 -2.68 13.96
C LEU A 241 -14.78 -1.51 14.49
N HIS A 242 -14.10 -0.40 14.70
CA HIS A 242 -14.73 0.81 15.18
C HIS A 242 -15.74 1.29 14.13
N MET A 243 -15.42 1.10 12.86
CA MET A 243 -16.32 1.52 11.80
C MET A 243 -17.59 0.68 11.78
N LYS A 244 -17.47 -0.61 12.07
CA LYS A 244 -18.63 -1.50 12.09
C LYS A 244 -19.57 -1.15 13.24
N VAL A 245 -19.00 -0.57 14.30
CA VAL A 245 -19.75 -0.18 15.47
C VAL A 245 -20.47 1.13 15.24
N GLU A 246 -19.74 2.10 14.73
CA GLU A 246 -20.29 3.43 14.52
C GLU A 246 -21.01 3.71 13.20
N CYS A 247 -20.94 2.79 12.25
CA CYS A 247 -21.57 3.05 10.96
C CYS A 247 -22.60 2.04 10.55
N PRO A 248 -23.64 2.50 9.86
CA PRO A 248 -24.73 1.65 9.39
C PRO A 248 -24.15 0.52 8.53
N THR A 249 -24.63 -0.70 8.72
CA THR A 249 -24.12 -1.80 7.93
C THR A 249 -24.36 -1.61 6.44
N GLU A 250 -25.46 -0.94 6.09
CA GLU A 250 -25.80 -0.74 4.68
C GLU A 250 -24.74 0.04 3.91
N LEU A 251 -23.89 0.77 4.63
CA LEU A 251 -22.83 1.55 4.01
C LEU A 251 -21.57 0.74 3.70
N PHE A 252 -21.49 -0.48 4.21
CA PHE A 252 -20.32 -1.33 3.98
C PHE A 252 -20.49 -2.19 2.74
N PRO A 253 -19.74 -1.92 1.66
CA PRO A 253 -19.86 -2.73 0.45
C PRO A 253 -19.42 -4.18 0.76
N PRO A 254 -19.95 -5.14 0.02
CA PRO A 254 -19.62 -6.56 0.22
C PRO A 254 -18.12 -6.89 0.23
N LEU A 255 -17.42 -6.50 -0.84
CA LEU A 255 -15.99 -6.77 -0.91
C LEU A 255 -15.27 -6.20 0.29
N PHE A 256 -15.63 -4.96 0.63
CA PHE A 256 -15.04 -4.27 1.75
C PHE A 256 -15.13 -5.15 2.99
N LEU A 257 -16.31 -5.73 3.22
CA LEU A 257 -16.54 -6.60 4.37
C LEU A 257 -15.77 -7.90 4.33
N GLU A 258 -15.77 -8.56 3.18
CA GLU A 258 -15.05 -9.81 3.05
C GLU A 258 -13.57 -9.65 3.31
N VAL A 259 -12.98 -8.61 2.75
CA VAL A 259 -11.55 -8.35 2.91
C VAL A 259 -11.08 -7.92 4.29
N PHE A 260 -11.92 -7.24 5.05
CA PHE A 260 -11.49 -6.78 6.37
C PHE A 260 -12.14 -7.42 7.56
N GLU A 261 -13.17 -8.21 7.32
CA GLU A 261 -13.87 -8.87 8.42
C GLU A 261 -13.21 -10.19 8.78
N ASP A 262 -13.81 -10.87 9.76
CA ASP A 262 -13.32 -12.16 10.27
C ASP A 262 -11.98 -11.98 10.97
N GLN A 263 -11.83 -10.85 11.65
CA GLN A 263 -10.62 -10.53 12.37
C GLN A 263 -10.96 -9.65 13.59
S SO4 B . 23.73 1.92 1.67
O1 SO4 B . 22.83 2.79 0.89
O2 SO4 B . 23.38 0.51 1.45
O3 SO4 B . 25.12 2.16 1.26
O4 SO4 B . 23.59 2.21 3.10
O3 IH5 C . -5.96 5.16 -3.95
C15 IH5 C . -6.29 3.85 -3.92
O4 IH5 C . -6.65 3.15 -4.88
C13 IH5 C . -6.18 3.27 -2.58
C01 IH5 C . -7.00 3.76 -1.44
C11 IH5 C . -6.28 4.03 -0.24
C09 IH5 C . -6.96 4.48 0.92
C07 IH5 C . -8.39 4.67 0.93
O2 IH5 C . -9.13 5.09 1.98
C2 IH5 C . -9.67 4.10 2.92
C12 IH5 C . -9.02 2.80 3.22
C10 IH5 C . -9.61 1.90 4.17
C8 IH5 C . -10.83 2.24 4.85
O1 IH5 C . -11.35 1.35 5.77
C6 IH5 C . -11.50 3.51 4.59
C4 IH5 C . -10.91 4.43 3.63
C14 IH5 C . -12.84 3.87 5.36
C16 IH5 C . -14.01 3.51 4.41
C18 IH5 C . -12.94 5.40 5.75
C05 IH5 C . -9.11 4.40 -0.26
C03 IH5 C . -8.45 3.95 -1.46
CL5 IH5 C . -10.79 4.60 -0.33
CL6 IH5 C . -6.06 4.82 2.30
#